data_5CUP
#
_entry.id   5CUP
#
_cell.length_a   57.098
_cell.length_b   58.763
_cell.length_c   136.656
_cell.angle_alpha   90.00
_cell.angle_beta   90.00
_cell.angle_gamma   90.00
#
_symmetry.space_group_name_H-M   'P 21 21 21'
#
loop_
_entity.id
_entity.type
_entity.pdbx_description
1 polymer 'Phosphate propanoyltransferase'
2 non-polymer 'ZINC ION'
3 non-polymer 'PHOSPHATE ION'
4 water water
#
_entity_poly.entity_id   1
_entity_poly.type   'polypeptide(L)'
_entity_poly.pdbx_seq_one_letter_code
;MGVDPFQVAVGVSNRHIHLSRTDMDTLFGPGAELQRKKAMKQPGQFAAEETVTLKGPKGSLSKVRVLGPLRRETQVEVSV
ADGFALGITPPLRQSGQLDDTPGLTIIGPQGSVTKDHGVIVAQRHIHMHPSTAAKLGLRNGDEVDVEAGGERGGVMHRVL
IRVAEASADEMHIDVEEANALCLKNDDVVRICKKLEHHHHHH
;
_entity_poly.pdbx_strand_id   A,B
#
loop_
_chem_comp.id
_chem_comp.type
_chem_comp.name
_chem_comp.formula
PO4 non-polymer 'PHOSPHATE ION' 'O4 P -3'
ZN non-polymer 'ZINC ION' 'Zn 2'
#
# COMPACT_ATOMS: atom_id res chain seq x y z
N ASP A 4 -20.85 12.02 -17.40
CA ASP A 4 -20.90 12.23 -15.96
C ASP A 4 -19.70 13.07 -15.51
N PRO A 5 -19.97 14.31 -15.09
CA PRO A 5 -18.93 15.25 -14.66
C PRO A 5 -18.33 14.90 -13.30
N PHE A 6 -18.89 13.87 -12.65
CA PHE A 6 -18.39 13.43 -11.35
C PHE A 6 -17.28 12.39 -11.50
N GLN A 7 -17.12 11.87 -12.72
CA GLN A 7 -16.07 10.91 -13.02
C GLN A 7 -14.74 11.61 -13.31
N VAL A 8 -13.72 11.29 -12.51
CA VAL A 8 -12.38 11.83 -12.70
C VAL A 8 -11.40 10.67 -12.88
N ALA A 9 -10.37 10.90 -13.71
CA ALA A 9 -9.37 9.87 -13.98
C ALA A 9 -8.34 9.84 -12.85
N VAL A 10 -7.75 8.66 -12.64
CA VAL A 10 -6.77 8.45 -11.58
C VAL A 10 -5.35 8.60 -12.13
N GLY A 11 -4.54 9.34 -11.39
CA GLY A 11 -3.11 9.39 -11.62
C GLY A 11 -2.39 8.86 -10.39
N VAL A 12 -1.72 7.71 -10.55
CA VAL A 12 -1.03 7.09 -9.43
C VAL A 12 0.36 7.69 -9.28
N SER A 13 0.56 8.41 -8.19
CA SER A 13 1.80 9.13 -7.93
C SER A 13 2.80 8.29 -7.14
N ASN A 14 3.85 7.85 -7.83
CA ASN A 14 4.95 7.16 -7.16
C ASN A 14 5.75 8.17 -6.35
N ARG A 15 6.63 7.68 -5.49
CA ARG A 15 7.49 8.56 -4.71
C ARG A 15 8.23 9.52 -5.62
N HIS A 16 8.37 10.77 -5.19
CA HIS A 16 9.04 11.78 -6.00
C HIS A 16 9.45 12.99 -5.18
N ILE A 17 10.11 13.94 -5.83
CA ILE A 17 10.65 15.10 -5.15
C ILE A 17 10.50 16.36 -6.00
N HIS A 18 10.17 17.46 -5.32
CA HIS A 18 10.21 18.79 -5.94
C HIS A 18 11.42 19.52 -5.37
N LEU A 19 12.14 20.24 -6.22
CA LEU A 19 13.39 20.88 -5.84
C LEU A 19 13.35 22.40 -5.97
N SER A 20 14.03 23.08 -5.05
CA SER A 20 14.27 24.51 -5.18
C SER A 20 15.42 24.73 -6.14
N ARG A 21 15.59 25.97 -6.59
CA ARG A 21 16.70 26.33 -7.46
C ARG A 21 18.03 26.09 -6.75
N THR A 22 18.10 26.51 -5.49
CA THR A 22 19.31 26.35 -4.70
C THR A 22 19.68 24.86 -4.53
N ASP A 23 18.68 24.04 -4.23
CA ASP A 23 18.93 22.62 -4.01
C ASP A 23 19.26 21.92 -5.33
N MET A 24 18.63 22.37 -6.42
CA MET A 24 18.97 21.87 -7.75
C MET A 24 20.44 22.17 -8.07
N ASP A 25 20.89 23.38 -7.74
CA ASP A 25 22.27 23.76 -7.97
C ASP A 25 23.24 22.88 -7.17
N THR A 26 22.86 22.60 -5.93
CA THR A 26 23.70 21.77 -5.05
C THR A 26 23.80 20.34 -5.56
N LEU A 27 22.66 19.79 -5.98
CA LEU A 27 22.57 18.37 -6.32
C LEU A 27 23.01 18.05 -7.74
N PHE A 28 22.79 18.99 -8.66
CA PHE A 28 23.04 18.75 -10.08
C PHE A 28 23.97 19.79 -10.71
N GLY A 29 24.43 20.74 -9.92
CA GLY A 29 25.38 21.75 -10.39
C GLY A 29 24.69 23.05 -10.74
N PRO A 30 25.38 24.19 -10.51
CA PRO A 30 24.78 25.49 -10.83
C PRO A 30 24.36 25.61 -12.30
N GLY A 31 23.17 26.14 -12.54
CA GLY A 31 22.70 26.37 -13.90
C GLY A 31 22.08 25.14 -14.55
N ALA A 32 22.10 24.01 -13.84
CA ALA A 32 21.54 22.77 -14.38
C ALA A 32 20.02 22.90 -14.55
N GLU A 33 19.52 22.52 -15.72
CA GLU A 33 18.10 22.55 -16.00
C GLU A 33 17.51 21.14 -16.04
N LEU A 34 16.31 20.99 -15.50
CA LEU A 34 15.59 19.73 -15.58
C LEU A 34 15.25 19.42 -17.03
N GLN A 35 15.48 18.18 -17.44
CA GLN A 35 15.15 17.73 -18.79
C GLN A 35 13.83 16.96 -18.74
N ARG A 36 12.86 17.36 -19.56
CA ARG A 36 11.57 16.69 -19.58
C ARG A 36 11.69 15.28 -20.14
N LYS A 37 11.23 14.31 -19.35
CA LYS A 37 11.19 12.91 -19.78
C LYS A 37 9.79 12.56 -20.27
N LYS A 38 8.80 12.81 -19.42
CA LYS A 38 7.40 12.59 -19.77
C LYS A 38 6.52 13.71 -19.22
N ALA A 39 5.71 14.30 -20.09
CA ALA A 39 4.77 15.33 -19.68
C ALA A 39 3.65 14.70 -18.86
N MET A 40 3.24 15.40 -17.81
CA MET A 40 2.15 14.93 -16.95
C MET A 40 0.84 15.58 -17.35
N LYS A 41 -0.25 15.14 -16.72
CA LYS A 41 -1.58 15.65 -17.03
C LYS A 41 -1.73 17.11 -16.59
N GLN A 42 -1.27 17.41 -15.38
CA GLN A 42 -1.30 18.79 -14.90
C GLN A 42 -0.39 19.64 -15.79
N PRO A 43 -0.94 20.71 -16.37
CA PRO A 43 -0.19 21.45 -17.40
C PRO A 43 1.06 22.12 -16.86
N GLY A 44 2.16 21.97 -17.60
CA GLY A 44 3.43 22.57 -17.22
C GLY A 44 4.29 21.64 -16.39
N GLN A 45 3.66 20.65 -15.76
CA GLN A 45 4.37 19.71 -14.92
C GLN A 45 4.81 18.48 -15.71
N PHE A 46 5.90 17.87 -15.28
CA PHE A 46 6.47 16.72 -16.00
C PHE A 46 7.40 15.91 -15.11
N ALA A 47 7.56 14.64 -15.46
CA ALA A 47 8.58 13.80 -14.85
C ALA A 47 9.90 14.07 -15.57
N ALA A 48 10.93 14.39 -14.81
CA ALA A 48 12.22 14.75 -15.39
C ALA A 48 13.10 13.52 -15.57
N GLU A 49 14.15 13.66 -16.36
CA GLU A 49 15.14 12.60 -16.52
C GLU A 49 15.91 12.41 -15.22
N GLU A 50 16.10 13.51 -14.50
CA GLU A 50 16.91 13.51 -13.29
C GLU A 50 16.25 12.74 -12.16
N THR A 51 17.08 12.10 -11.34
CA THR A 51 16.63 11.37 -10.16
C THR A 51 17.61 11.60 -9.01
N VAL A 52 17.19 11.27 -7.80
CA VAL A 52 18.04 11.41 -6.62
C VAL A 52 17.96 10.17 -5.73
N THR A 53 18.94 10.04 -4.84
CA THR A 53 18.89 9.04 -3.79
C THR A 53 18.47 9.71 -2.48
N LEU A 54 17.52 9.10 -1.79
CA LEU A 54 17.08 9.56 -0.48
C LEU A 54 17.67 8.68 0.60
N LYS A 55 18.42 9.29 1.53
CA LYS A 55 19.02 8.57 2.63
C LYS A 55 18.39 8.97 3.96
N GLY A 56 17.92 7.98 4.69
CA GLY A 56 17.37 8.17 6.03
C GLY A 56 18.23 7.46 7.05
N PRO A 57 17.82 7.51 8.33
CA PRO A 57 18.59 6.85 9.39
C PRO A 57 18.62 5.34 9.27
N LYS A 58 17.58 4.74 8.70
CA LYS A 58 17.45 3.30 8.63
C LYS A 58 17.95 2.73 7.30
N GLY A 59 17.62 3.40 6.20
CA GLY A 59 17.99 2.93 4.88
C GLY A 59 17.88 4.01 3.84
N SER A 60 18.04 3.63 2.57
CA SER A 60 17.99 4.58 1.45
C SER A 60 17.10 4.08 0.32
N LEU A 61 16.65 5.02 -0.50
CA LEU A 61 15.86 4.71 -1.70
C LEU A 61 16.55 5.33 -2.93
N SER A 62 16.68 4.53 -3.98
CA SER A 62 17.38 4.97 -5.20
C SER A 62 16.42 5.34 -6.32
N LYS A 63 16.91 6.17 -7.24
CA LYS A 63 16.18 6.56 -8.45
C LYS A 63 14.83 7.17 -8.14
N VAL A 64 14.78 8.05 -7.14
CA VAL A 64 13.57 8.80 -6.85
C VAL A 64 13.39 9.90 -7.88
N ARG A 65 12.27 9.86 -8.59
CA ARG A 65 12.01 10.78 -9.70
C ARG A 65 11.90 12.23 -9.25
N VAL A 66 12.55 13.12 -9.99
CA VAL A 66 12.38 14.56 -9.80
C VAL A 66 11.29 15.06 -10.74
N LEU A 67 10.33 15.80 -10.19
CA LEU A 67 9.28 16.40 -11.00
C LEU A 67 9.56 17.88 -11.25
N GLY A 68 9.46 18.29 -12.50
CA GLY A 68 9.59 19.69 -12.86
C GLY A 68 8.21 20.32 -13.00
N PRO A 69 8.14 21.65 -12.99
CA PRO A 69 9.27 22.58 -12.89
C PRO A 69 9.81 22.72 -11.47
N LEU A 70 10.92 23.44 -11.33
CA LEU A 70 11.46 23.75 -10.01
C LEU A 70 10.47 24.61 -9.24
N ARG A 71 10.51 24.53 -7.91
CA ARG A 71 9.58 25.27 -7.06
C ARG A 71 10.35 26.15 -6.07
N ARG A 72 9.60 26.86 -5.22
CA ARG A 72 10.21 27.77 -4.27
C ARG A 72 10.80 27.03 -3.07
N GLU A 73 10.26 25.85 -2.79
CA GLU A 73 10.66 25.08 -1.61
C GLU A 73 10.70 23.59 -1.95
N THR A 74 11.74 22.91 -1.46
CA THR A 74 11.91 21.49 -1.71
C THR A 74 10.87 20.69 -0.93
N GLN A 75 10.33 19.66 -1.57
CA GLN A 75 9.30 18.82 -0.97
C GLN A 75 9.44 17.38 -1.44
N VAL A 76 9.52 16.46 -0.49
CA VAL A 76 9.61 15.03 -0.77
C VAL A 76 8.31 14.33 -0.41
N GLU A 77 7.80 13.52 -1.34
CA GLU A 77 6.59 12.75 -1.11
C GLU A 77 6.89 11.26 -1.18
N VAL A 78 6.66 10.58 -0.06
CA VAL A 78 6.93 9.16 0.06
C VAL A 78 5.72 8.43 0.65
N SER A 79 5.58 7.15 0.34
CA SER A 79 4.52 6.34 0.93
C SER A 79 4.82 6.07 2.40
N VAL A 80 3.83 5.57 3.12
CA VAL A 80 4.03 5.18 4.52
C VAL A 80 5.12 4.12 4.61
N ALA A 81 5.09 3.16 3.67
CA ALA A 81 6.10 2.10 3.62
C ALA A 81 7.48 2.68 3.33
N ASP A 82 7.56 3.57 2.35
CA ASP A 82 8.80 4.26 2.03
C ASP A 82 9.41 4.91 3.26
N GLY A 83 8.56 5.56 4.06
CA GLY A 83 8.99 6.20 5.28
C GLY A 83 9.60 5.22 6.26
N PHE A 84 8.93 4.08 6.45
CA PHE A 84 9.41 3.07 7.38
C PHE A 84 10.76 2.51 6.94
N ALA A 85 10.94 2.36 5.63
CA ALA A 85 12.20 1.85 5.09
C ALA A 85 13.32 2.87 5.27
N LEU A 86 12.98 4.15 5.20
CA LEU A 86 13.94 5.22 5.38
C LEU A 86 14.32 5.38 6.84
N GLY A 87 13.34 5.16 7.72
CA GLY A 87 13.55 5.29 9.16
C GLY A 87 12.99 6.60 9.70
N ILE A 88 11.96 7.12 9.03
CA ILE A 88 11.27 8.32 9.49
C ILE A 88 9.76 8.09 9.49
N THR A 89 9.02 9.02 10.10
CA THR A 89 7.57 8.94 10.15
C THR A 89 6.95 10.22 9.59
N PRO A 90 6.96 10.37 8.27
CA PRO A 90 6.40 11.58 7.67
C PRO A 90 4.89 11.68 7.88
N PRO A 91 4.39 12.84 8.35
CA PRO A 91 2.96 12.98 8.59
C PRO A 91 2.14 13.14 7.31
N LEU A 92 0.85 12.84 7.39
CA LEU A 92 -0.05 13.04 6.27
C LEU A 92 -0.28 14.54 6.07
N ARG A 93 0.02 15.03 4.88
CA ARG A 93 -0.10 16.45 4.58
C ARG A 93 -0.53 16.70 3.15
N GLN A 94 -1.16 17.86 2.93
CA GLN A 94 -1.39 18.35 1.58
C GLN A 94 -0.13 19.04 1.11
N SER A 95 0.01 19.19 -0.21
CA SER A 95 1.18 19.86 -0.78
C SER A 95 1.37 21.26 -0.19
N GLY A 96 2.61 21.56 0.20
CA GLY A 96 2.96 22.88 0.71
C GLY A 96 2.76 23.03 2.21
N GLN A 97 2.19 22.03 2.84
CA GLN A 97 1.94 22.04 4.28
C GLN A 97 3.08 21.33 5.01
N LEU A 98 4.24 21.97 5.06
CA LEU A 98 5.48 21.30 5.47
C LEU A 98 5.99 21.69 6.86
N ASP A 99 5.21 22.45 7.61
CA ASP A 99 5.60 22.82 8.96
C ASP A 99 5.73 21.58 9.85
N ASP A 100 6.81 21.52 10.61
CA ASP A 100 7.06 20.42 11.55
C ASP A 100 7.04 19.05 10.85
N THR A 101 7.61 19.00 9.65
CA THR A 101 7.78 17.75 8.94
C THR A 101 9.22 17.27 9.10
N PRO A 102 9.45 15.96 9.00
CA PRO A 102 10.82 15.43 9.14
C PRO A 102 11.64 15.67 7.88
N GLY A 103 12.95 15.44 7.97
CA GLY A 103 13.86 15.66 6.86
C GLY A 103 14.58 14.41 6.41
N LEU A 104 15.37 14.55 5.37
CA LEU A 104 16.18 13.48 4.81
C LEU A 104 17.47 14.05 4.24
N THR A 105 18.36 13.16 3.80
CA THR A 105 19.53 13.55 3.03
C THR A 105 19.27 13.23 1.57
N ILE A 106 19.32 14.26 0.73
CA ILE A 106 19.15 14.10 -0.71
C ILE A 106 20.52 14.06 -1.35
N ILE A 107 20.77 13.03 -2.16
CA ILE A 107 22.07 12.85 -2.79
C ILE A 107 21.94 12.92 -4.31
N GLY A 108 22.72 13.83 -4.91
CA GLY A 108 22.77 13.99 -6.35
C GLY A 108 24.19 13.78 -6.85
N PRO A 109 24.37 13.84 -8.18
CA PRO A 109 25.70 13.62 -8.77
C PRO A 109 26.74 14.65 -8.34
N GLN A 110 26.33 15.90 -8.16
CA GLN A 110 27.26 17.00 -7.89
C GLN A 110 27.36 17.35 -6.41
N GLY A 111 26.47 16.80 -5.59
CA GLY A 111 26.50 17.09 -4.17
C GLY A 111 25.34 16.53 -3.40
N SER A 112 25.33 16.78 -2.09
CA SER A 112 24.27 16.33 -1.20
C SER A 112 23.77 17.47 -0.33
N VAL A 113 22.51 17.40 0.07
CA VAL A 113 21.94 18.35 1.01
C VAL A 113 21.07 17.61 2.01
N THR A 114 21.32 17.85 3.29
CA THR A 114 20.54 17.23 4.35
C THR A 114 19.47 18.21 4.82
N LYS A 115 18.22 17.94 4.43
CA LYS A 115 17.10 18.80 4.77
C LYS A 115 16.59 18.51 6.18
N ASP A 116 16.10 19.54 6.85
CA ASP A 116 15.54 19.40 8.20
C ASP A 116 14.02 19.27 8.15
N HIS A 117 13.45 19.43 6.98
CA HIS A 117 12.01 19.34 6.80
C HIS A 117 11.65 19.14 5.32
N GLY A 118 10.38 18.86 5.05
CA GLY A 118 9.88 18.77 3.68
C GLY A 118 9.35 17.41 3.26
N VAL A 119 9.51 16.40 4.11
CA VAL A 119 9.07 15.05 3.78
C VAL A 119 7.68 14.78 4.32
N ILE A 120 6.76 14.40 3.44
CA ILE A 120 5.39 14.08 3.84
C ILE A 120 4.87 12.82 3.15
N VAL A 121 3.83 12.24 3.73
CA VAL A 121 2.95 11.33 3.01
C VAL A 121 1.85 12.17 2.39
N ALA A 122 1.69 12.05 1.09
CA ALA A 122 0.72 12.85 0.35
C ALA A 122 -0.72 12.48 0.72
N GLN A 123 -1.49 13.48 1.13
CA GLN A 123 -2.93 13.30 1.29
C GLN A 123 -3.56 13.26 -0.08
N ARG A 124 -4.40 12.25 -0.32
CA ARG A 124 -5.06 12.09 -1.60
C ARG A 124 -5.89 13.34 -1.90
N HIS A 125 -5.99 13.68 -3.18
CA HIS A 125 -6.61 14.92 -3.59
C HIS A 125 -7.03 14.89 -5.05
N ILE A 126 -7.84 15.86 -5.45
CA ILE A 126 -8.25 16.02 -6.83
C ILE A 126 -7.90 17.41 -7.33
N HIS A 127 -7.05 17.46 -8.35
CA HIS A 127 -6.80 18.71 -9.07
C HIS A 127 -7.99 18.99 -9.96
N MET A 128 -8.59 20.18 -9.83
CA MET A 128 -9.80 20.50 -10.56
C MET A 128 -9.78 21.91 -11.15
N HIS A 129 -10.20 22.02 -12.41
CA HIS A 129 -10.33 23.30 -13.07
C HIS A 129 -11.43 24.12 -12.40
N PRO A 130 -11.27 25.45 -12.34
CA PRO A 130 -12.29 26.25 -11.64
C PRO A 130 -13.65 26.16 -12.31
N SER A 131 -13.66 25.86 -13.60
CA SER A 131 -14.91 25.66 -14.32
C SER A 131 -15.62 24.45 -13.74
N THR A 132 -14.93 23.32 -13.73
CA THR A 132 -15.46 22.08 -13.19
C THR A 132 -15.91 22.25 -11.75
N ALA A 133 -15.05 22.84 -10.93
CA ALA A 133 -15.35 23.06 -9.51
C ALA A 133 -16.62 23.89 -9.34
N ALA A 134 -16.85 24.81 -10.28
CA ALA A 134 -18.02 25.67 -10.22
C ALA A 134 -19.28 24.88 -10.57
N LYS A 135 -19.15 23.91 -11.46
CA LYS A 135 -20.27 23.05 -11.84
C LYS A 135 -20.71 22.18 -10.66
N LEU A 136 -19.76 21.46 -10.08
CA LEU A 136 -20.05 20.50 -9.03
C LEU A 136 -20.33 21.17 -7.68
N GLY A 137 -20.35 22.50 -7.66
CA GLY A 137 -20.61 23.24 -6.44
C GLY A 137 -19.51 23.04 -5.42
N LEU A 138 -18.30 22.79 -5.92
CA LEU A 138 -17.15 22.50 -5.07
C LEU A 138 -16.24 23.72 -4.94
N ARG A 139 -15.82 23.99 -3.71
CA ARG A 139 -14.91 25.09 -3.41
C ARG A 139 -13.51 24.56 -3.15
N ASN A 140 -12.51 25.41 -3.39
CA ASN A 140 -11.13 25.06 -3.08
C ASN A 140 -10.95 24.91 -1.58
N GLY A 141 -10.42 23.76 -1.16
CA GLY A 141 -10.21 23.47 0.25
C GLY A 141 -11.23 22.49 0.80
N ASP A 142 -12.26 22.20 0.00
CA ASP A 142 -13.26 21.22 0.39
C ASP A 142 -12.66 19.81 0.45
N GLU A 143 -13.30 18.95 1.24
CA GLU A 143 -12.97 17.53 1.25
C GLU A 143 -14.21 16.75 0.83
N VAL A 144 -14.00 15.64 0.13
CA VAL A 144 -15.10 14.88 -0.46
C VAL A 144 -14.86 13.37 -0.36
N ASP A 145 -15.90 12.60 -0.65
CA ASP A 145 -15.79 11.14 -0.73
C ASP A 145 -15.69 10.71 -2.19
N VAL A 146 -14.84 9.72 -2.44
CA VAL A 146 -14.62 9.20 -3.79
C VAL A 146 -14.71 7.68 -3.78
N GLU A 147 -15.53 7.13 -4.69
CA GLU A 147 -15.77 5.70 -4.75
C GLU A 147 -15.00 5.04 -5.90
N ALA A 148 -14.43 3.87 -5.61
CA ALA A 148 -13.76 3.05 -6.61
C ALA A 148 -14.41 1.68 -6.68
N GLY A 149 -14.61 1.19 -7.90
CA GLY A 149 -15.26 -0.09 -8.11
C GLY A 149 -14.26 -1.22 -8.18
N GLY A 150 -14.75 -2.42 -8.49
CA GLY A 150 -13.90 -3.57 -8.69
C GLY A 150 -13.81 -4.48 -7.47
N GLU A 151 -12.99 -5.52 -7.59
CA GLU A 151 -12.88 -6.55 -6.57
C GLU A 151 -12.26 -6.04 -5.26
N ARG A 152 -11.50 -4.95 -5.35
CA ARG A 152 -10.88 -4.35 -4.17
C ARG A 152 -11.37 -2.92 -3.95
N GLY A 153 -12.51 -2.60 -4.56
CA GLY A 153 -13.06 -1.25 -4.49
C GLY A 153 -13.45 -0.79 -3.09
N GLY A 154 -13.96 0.44 -3.03
CA GLY A 154 -14.35 1.05 -1.77
C GLY A 154 -14.54 2.54 -1.93
N VAL A 155 -14.77 3.24 -0.83
CA VAL A 155 -14.95 4.69 -0.85
C VAL A 155 -13.88 5.37 0.01
N MET A 156 -13.14 6.28 -0.62
CA MET A 156 -12.11 7.05 0.07
C MET A 156 -12.71 8.31 0.68
N HIS A 157 -12.51 8.51 1.98
CA HIS A 157 -12.91 9.75 2.63
C HIS A 157 -11.78 10.78 2.56
N ARG A 158 -12.09 12.01 2.97
CA ARG A 158 -11.09 13.05 3.15
C ARG A 158 -10.27 13.31 1.88
N VAL A 159 -10.94 13.38 0.74
CA VAL A 159 -10.28 13.68 -0.52
C VAL A 159 -10.25 15.20 -0.75
N LEU A 160 -9.06 15.77 -0.60
CA LEU A 160 -8.88 17.21 -0.71
C LEU A 160 -9.18 17.71 -2.12
N ILE A 161 -10.06 18.69 -2.22
CA ILE A 161 -10.36 19.34 -3.50
C ILE A 161 -9.39 20.51 -3.71
N ARG A 162 -8.63 20.43 -4.80
CA ARG A 162 -7.64 21.45 -5.12
C ARG A 162 -7.98 22.15 -6.43
N VAL A 163 -8.47 23.38 -6.33
CA VAL A 163 -8.88 24.15 -7.50
C VAL A 163 -7.89 25.25 -7.84
N ALA A 164 -7.44 25.24 -9.10
CA ALA A 164 -6.57 26.28 -9.63
C ALA A 164 -6.78 26.36 -11.14
N GLU A 165 -6.55 27.54 -11.70
CA GLU A 165 -6.74 27.76 -13.13
C GLU A 165 -5.84 26.83 -13.95
N ALA A 166 -4.64 26.59 -13.43
CA ALA A 166 -3.65 25.78 -14.14
C ALA A 166 -3.77 24.30 -13.80
N SER A 167 -5.01 23.82 -13.66
CA SER A 167 -5.28 22.43 -13.27
C SER A 167 -6.09 21.69 -14.31
N ALA A 168 -5.80 20.40 -14.44
CA ALA A 168 -6.61 19.49 -15.22
C ALA A 168 -7.30 18.53 -14.26
N ASP A 169 -8.52 18.11 -14.60
CA ASP A 169 -9.29 17.23 -13.73
C ASP A 169 -8.62 15.86 -13.59
N GLU A 170 -8.12 15.59 -12.38
CA GLU A 170 -7.37 14.37 -12.12
C GLU A 170 -7.28 14.12 -10.62
N MET A 171 -7.32 12.85 -10.23
CA MET A 171 -7.15 12.47 -8.82
C MET A 171 -5.77 11.85 -8.60
N HIS A 172 -5.08 12.32 -7.56
CA HIS A 172 -3.76 11.83 -7.20
C HIS A 172 -3.79 11.00 -5.92
N ILE A 173 -3.30 9.76 -6.02
CA ILE A 173 -3.16 8.86 -4.89
C ILE A 173 -1.80 8.18 -4.97
N ASP A 174 -1.23 7.81 -3.82
CA ASP A 174 0.11 7.19 -3.85
C ASP A 174 -0.01 5.71 -4.19
N VAL A 175 1.14 5.03 -4.26
CA VAL A 175 1.19 3.66 -4.77
C VAL A 175 0.41 2.68 -3.87
N GLU A 176 0.47 2.91 -2.56
CA GLU A 176 -0.20 2.02 -1.62
C GLU A 176 -1.72 2.17 -1.67
N GLU A 177 -2.19 3.41 -1.83
CA GLU A 177 -3.62 3.67 -1.97
C GLU A 177 -4.15 3.02 -3.24
N ALA A 178 -3.37 3.10 -4.31
CA ALA A 178 -3.75 2.52 -5.59
C ALA A 178 -3.86 1.00 -5.49
N ASN A 179 -2.82 0.36 -4.94
CA ASN A 179 -2.80 -1.09 -4.83
C ASN A 179 -3.87 -1.61 -3.88
N ALA A 180 -4.19 -0.82 -2.86
CA ALA A 180 -5.23 -1.18 -1.90
C ALA A 180 -6.59 -1.26 -2.56
N LEU A 181 -6.77 -0.52 -3.66
CA LEU A 181 -8.04 -0.47 -4.37
C LEU A 181 -7.92 -1.04 -5.79
N CYS A 182 -6.75 -1.60 -6.10
CA CYS A 182 -6.46 -2.08 -7.46
C CYS A 182 -6.76 -1.01 -8.50
N LEU A 183 -6.27 0.20 -8.23
CA LEU A 183 -6.37 1.30 -9.18
C LEU A 183 -5.06 1.44 -9.95
N LYS A 184 -5.15 1.90 -11.19
CA LYS A 184 -3.99 2.16 -12.03
C LYS A 184 -4.19 3.50 -12.73
N ASN A 185 -3.16 3.99 -13.39
CA ASN A 185 -3.27 5.23 -14.13
C ASN A 185 -4.42 5.17 -15.13
N ASP A 186 -5.17 6.27 -15.21
CA ASP A 186 -6.27 6.45 -16.16
C ASP A 186 -7.51 5.63 -15.83
N ASP A 187 -7.56 5.01 -14.65
CA ASP A 187 -8.78 4.40 -14.16
C ASP A 187 -9.74 5.51 -13.75
N VAL A 188 -11.04 5.20 -13.77
CA VAL A 188 -12.07 6.18 -13.44
C VAL A 188 -12.67 5.94 -12.06
N VAL A 189 -12.72 6.99 -11.26
CA VAL A 189 -13.39 6.96 -9.96
C VAL A 189 -14.44 8.06 -9.93
N ARG A 190 -15.35 7.98 -8.97
CA ARG A 190 -16.50 8.89 -8.92
C ARG A 190 -16.56 9.68 -7.61
N ILE A 191 -16.83 10.97 -7.72
CA ILE A 191 -17.05 11.81 -6.55
C ILE A 191 -18.49 11.63 -6.06
N CYS A 192 -18.65 11.45 -4.76
CA CYS A 192 -19.97 11.24 -4.17
C CYS A 192 -20.56 12.56 -3.67
N ASP B 4 -20.70 -1.61 20.76
CA ASP B 4 -21.08 -1.78 19.37
C ASP B 4 -20.57 -3.12 18.84
N PRO B 5 -21.45 -4.12 18.71
CA PRO B 5 -21.00 -5.46 18.33
C PRO B 5 -20.56 -5.59 16.86
N PHE B 6 -20.80 -4.54 16.07
CA PHE B 6 -20.37 -4.55 14.67
C PHE B 6 -18.91 -4.09 14.54
N GLN B 7 -18.33 -3.65 15.65
CA GLN B 7 -16.92 -3.29 15.67
C GLN B 7 -16.03 -4.52 15.75
N VAL B 8 -14.85 -4.45 15.13
CA VAL B 8 -13.91 -5.56 15.13
C VAL B 8 -12.48 -5.03 15.03
N ALA B 9 -11.56 -5.71 15.71
CA ALA B 9 -10.16 -5.31 15.73
C ALA B 9 -9.46 -5.64 14.41
N VAL B 10 -8.45 -4.84 14.08
CA VAL B 10 -7.69 -5.03 12.86
C VAL B 10 -6.42 -5.83 13.13
N GLY B 11 -6.15 -6.79 12.25
CA GLY B 11 -4.87 -7.48 12.22
C GLY B 11 -4.20 -7.20 10.89
N VAL B 12 -3.07 -6.50 10.93
CA VAL B 12 -2.35 -6.16 9.72
C VAL B 12 -1.45 -7.33 9.33
N SER B 13 -1.73 -7.88 8.15
CA SER B 13 -1.06 -9.10 7.69
C SER B 13 0.09 -8.80 6.74
N ASN B 14 1.32 -9.00 7.23
CA ASN B 14 2.49 -8.88 6.38
C ASN B 14 2.62 -10.13 5.52
N ARG B 15 3.40 -10.04 4.44
CA ARG B 15 3.64 -11.18 3.58
C ARG B 15 4.05 -12.39 4.40
N HIS B 16 3.57 -13.57 4.01
CA HIS B 16 3.89 -14.78 4.74
C HIS B 16 3.58 -16.03 3.92
N ILE B 17 3.87 -17.19 4.49
CA ILE B 17 3.68 -18.45 3.81
C ILE B 17 3.10 -19.50 4.75
N HIS B 18 2.23 -20.36 4.22
CA HIS B 18 1.79 -21.57 4.89
C HIS B 18 2.43 -22.75 4.17
N LEU B 19 2.94 -23.73 4.91
CA LEU B 19 3.66 -24.85 4.32
C LEU B 19 2.94 -26.19 4.50
N SER B 20 3.07 -27.04 3.49
CA SER B 20 2.66 -28.44 3.61
C SER B 20 3.74 -29.19 4.38
N ARG B 21 3.41 -30.37 4.88
CA ARG B 21 4.39 -31.19 5.58
C ARG B 21 5.51 -31.59 4.60
N THR B 22 5.13 -32.00 3.39
CA THR B 22 6.12 -32.36 2.38
C THR B 22 7.07 -31.20 2.10
N ASP B 23 6.53 -29.99 1.94
CA ASP B 23 7.35 -28.83 1.65
C ASP B 23 8.18 -28.42 2.87
N MET B 24 7.62 -28.61 4.06
CA MET B 24 8.35 -28.36 5.29
C MET B 24 9.56 -29.29 5.38
N ASP B 25 9.40 -30.54 4.97
CA ASP B 25 10.48 -31.52 4.96
C ASP B 25 11.62 -31.06 4.06
N THR B 26 11.26 -30.59 2.87
CA THR B 26 12.24 -30.14 1.89
C THR B 26 13.00 -28.92 2.39
N LEU B 27 12.26 -27.93 2.88
CA LEU B 27 12.84 -26.64 3.23
C LEU B 27 13.64 -26.64 4.53
N PHE B 28 13.18 -27.43 5.51
CA PHE B 28 13.75 -27.36 6.86
C PHE B 28 14.22 -28.73 7.38
N GLY B 29 14.04 -29.77 6.58
CA GLY B 29 14.49 -31.10 6.93
C GLY B 29 13.36 -32.00 7.35
N PRO B 30 13.43 -33.30 7.04
CA PRO B 30 12.36 -34.22 7.43
C PRO B 30 12.12 -34.28 8.94
N GLY B 31 10.86 -34.23 9.36
CA GLY B 31 10.52 -34.29 10.76
C GLY B 31 10.64 -32.96 11.48
N ALA B 32 11.17 -31.95 10.79
CA ALA B 32 11.33 -30.63 11.38
C ALA B 32 9.98 -30.05 11.80
N GLU B 33 9.90 -29.55 13.03
CA GLU B 33 8.68 -28.94 13.55
C GLU B 33 8.79 -27.42 13.60
N LEU B 34 7.71 -26.73 13.26
CA LEU B 34 7.67 -25.28 13.38
C LEU B 34 7.77 -24.88 14.85
N GLN B 35 8.49 -23.80 15.11
CA GLN B 35 8.69 -23.31 16.47
C GLN B 35 7.97 -21.99 16.69
N ARG B 36 7.15 -21.92 17.73
CA ARG B 36 6.37 -20.73 18.02
C ARG B 36 7.24 -19.53 18.37
N LYS B 37 6.98 -18.42 17.70
CA LYS B 37 7.58 -17.13 18.05
C LYS B 37 6.55 -16.26 18.75
N LYS B 38 5.37 -16.13 18.14
CA LYS B 38 4.28 -15.37 18.73
C LYS B 38 2.93 -15.89 18.22
N ALA B 39 2.05 -16.22 19.16
CA ALA B 39 0.71 -16.68 18.81
C ALA B 39 -0.10 -15.54 18.19
N MET B 40 -0.94 -15.90 17.22
CA MET B 40 -1.87 -14.96 16.61
C MET B 40 -3.20 -15.02 17.34
N LYS B 41 -4.14 -14.16 16.95
CA LYS B 41 -5.44 -14.12 17.59
C LYS B 41 -6.34 -15.28 17.14
N GLN B 42 -6.14 -15.76 15.92
CA GLN B 42 -6.88 -16.94 15.47
C GLN B 42 -6.40 -18.16 16.25
N PRO B 43 -7.33 -18.90 16.88
CA PRO B 43 -6.95 -20.05 17.73
C PRO B 43 -6.03 -21.06 17.08
N GLY B 44 -4.93 -21.37 17.77
CA GLY B 44 -4.02 -22.43 17.33
C GLY B 44 -2.99 -21.98 16.32
N GLN B 45 -3.20 -20.80 15.74
CA GLN B 45 -2.30 -20.29 14.72
C GLN B 45 -1.24 -19.38 15.33
N PHE B 46 -0.07 -19.33 14.70
CA PHE B 46 1.05 -18.57 15.23
C PHE B 46 2.10 -18.22 14.17
N ALA B 47 2.80 -17.12 14.41
CA ALA B 47 3.99 -16.79 13.65
C ALA B 47 5.16 -17.63 14.16
N ALA B 48 5.81 -18.35 13.27
CA ALA B 48 6.89 -19.25 13.66
C ALA B 48 8.24 -18.55 13.65
N GLU B 49 9.22 -19.15 14.30
CA GLU B 49 10.59 -18.66 14.23
C GLU B 49 11.14 -18.81 12.82
N GLU B 50 10.61 -19.80 12.10
CA GLU B 50 11.08 -20.12 10.76
C GLU B 50 10.71 -19.06 9.73
N THR B 51 11.64 -18.81 8.81
CA THR B 51 11.41 -17.88 7.71
C THR B 51 11.98 -18.48 6.42
N VAL B 52 11.48 -18.00 5.28
CA VAL B 52 11.98 -18.45 3.97
C VAL B 52 12.31 -17.28 3.07
N THR B 53 13.05 -17.57 2.01
CA THR B 53 13.29 -16.62 0.94
C THR B 53 12.40 -16.97 -0.25
N LEU B 54 11.73 -15.96 -0.79
CA LEU B 54 10.92 -16.13 -1.99
C LEU B 54 11.66 -15.56 -3.19
N LYS B 55 11.86 -16.39 -4.21
CA LYS B 55 12.54 -15.97 -5.42
C LYS B 55 11.60 -16.02 -6.62
N GLY B 56 11.48 -14.89 -7.31
CA GLY B 56 10.71 -14.81 -8.55
C GLY B 56 11.63 -14.49 -9.71
N PRO B 57 11.05 -14.33 -10.92
CA PRO B 57 11.85 -14.07 -12.12
C PRO B 57 12.62 -12.75 -12.07
N LYS B 58 12.13 -11.83 -11.25
CA LYS B 58 12.64 -10.45 -11.26
C LYS B 58 13.51 -10.14 -10.05
N GLY B 59 13.18 -10.73 -8.90
CA GLY B 59 13.93 -10.48 -7.68
C GLY B 59 13.50 -11.39 -6.53
N SER B 60 14.12 -11.19 -5.37
CA SER B 60 13.85 -12.03 -4.20
C SER B 60 13.42 -11.23 -2.98
N LEU B 61 12.70 -11.89 -2.08
CA LEU B 61 12.32 -11.31 -0.80
C LEU B 61 12.79 -12.22 0.33
N SER B 62 13.56 -11.65 1.26
CA SER B 62 14.14 -12.43 2.35
C SER B 62 13.30 -12.34 3.63
N LYS B 63 13.52 -13.30 4.52
CA LYS B 63 12.91 -13.31 5.84
C LYS B 63 11.38 -13.26 5.79
N VAL B 64 10.80 -14.07 4.91
CA VAL B 64 9.35 -14.16 4.79
C VAL B 64 8.83 -15.14 5.83
N ARG B 65 7.96 -14.65 6.70
CA ARG B 65 7.50 -15.41 7.86
C ARG B 65 6.68 -16.65 7.48
N VAL B 66 7.00 -17.77 8.14
CA VAL B 66 6.17 -18.96 8.07
C VAL B 66 5.15 -18.91 9.20
N LEU B 67 3.90 -19.17 8.87
CA LEU B 67 2.83 -19.24 9.87
C LEU B 67 2.45 -20.69 10.14
N GLY B 68 2.34 -21.03 11.42
CA GLY B 68 1.91 -22.36 11.82
C GLY B 68 0.44 -22.37 12.19
N PRO B 69 -0.17 -23.55 12.26
CA PRO B 69 0.45 -24.85 12.00
C PRO B 69 0.55 -25.17 10.50
N LEU B 70 1.22 -26.27 10.18
CA LEU B 70 1.30 -26.73 8.80
C LEU B 70 -0.10 -26.96 8.24
N ARG B 71 -0.23 -26.92 6.93
CA ARG B 71 -1.52 -27.12 6.27
C ARG B 71 -1.40 -28.19 5.20
N ARG B 72 -2.50 -28.47 4.51
CA ARG B 72 -2.53 -29.54 3.51
C ARG B 72 -1.93 -29.11 2.19
N GLU B 73 -1.84 -27.80 1.97
CA GLU B 73 -1.33 -27.25 0.73
C GLU B 73 -0.57 -25.96 0.99
N THR B 74 0.56 -25.79 0.32
CA THR B 74 1.39 -24.60 0.50
C THR B 74 0.69 -23.40 -0.12
N GLN B 75 0.74 -22.28 0.59
CA GLN B 75 0.09 -21.04 0.15
C GLN B 75 0.96 -19.84 0.48
N VAL B 76 1.17 -18.97 -0.50
CA VAL B 76 1.97 -17.77 -0.32
C VAL B 76 1.11 -16.52 -0.49
N GLU B 77 1.14 -15.65 0.52
CA GLU B 77 0.41 -14.40 0.48
C GLU B 77 1.38 -13.21 0.41
N VAL B 78 1.20 -12.38 -0.61
CA VAL B 78 2.06 -11.23 -0.82
C VAL B 78 1.20 -10.04 -1.24
N SER B 79 1.70 -8.83 -1.02
CA SER B 79 0.98 -7.64 -1.48
C SER B 79 1.22 -7.47 -2.98
N VAL B 80 0.47 -6.57 -3.60
CA VAL B 80 0.65 -6.25 -5.01
C VAL B 80 2.08 -5.76 -5.25
N ALA B 81 2.56 -4.90 -4.35
CA ALA B 81 3.92 -4.38 -4.44
C ALA B 81 4.94 -5.50 -4.36
N ASP B 82 4.69 -6.47 -3.48
CA ASP B 82 5.58 -7.62 -3.33
C ASP B 82 5.66 -8.42 -4.64
N GLY B 83 4.51 -8.65 -5.25
CA GLY B 83 4.44 -9.38 -6.49
C GLY B 83 5.23 -8.69 -7.58
N PHE B 84 5.07 -7.37 -7.67
CA PHE B 84 5.79 -6.58 -8.65
C PHE B 84 7.29 -6.71 -8.47
N ALA B 85 7.74 -6.74 -7.22
CA ALA B 85 9.16 -6.88 -6.92
C ALA B 85 9.66 -8.29 -7.23
N LEU B 86 8.78 -9.27 -7.10
CA LEU B 86 9.13 -10.66 -7.39
C LEU B 86 9.16 -10.94 -8.89
N GLY B 87 8.30 -10.24 -9.63
CA GLY B 87 8.20 -10.42 -11.08
C GLY B 87 7.04 -11.31 -11.45
N ILE B 88 6.00 -11.31 -10.62
CA ILE B 88 4.80 -12.08 -10.88
C ILE B 88 3.56 -11.21 -10.64
N THR B 89 2.41 -11.68 -11.11
CA THR B 89 1.15 -10.98 -10.92
C THR B 89 0.13 -11.90 -10.27
N PRO B 90 0.20 -12.05 -8.94
CA PRO B 90 -0.75 -12.92 -8.24
C PRO B 90 -2.16 -12.32 -8.25
N PRO B 91 -3.20 -13.16 -8.45
CA PRO B 91 -4.56 -12.63 -8.45
C PRO B 91 -5.10 -12.42 -7.03
N LEU B 92 -6.14 -11.60 -6.91
CA LEU B 92 -6.81 -11.41 -5.63
C LEU B 92 -7.67 -12.63 -5.31
N ARG B 93 -7.36 -13.30 -4.21
CA ARG B 93 -8.07 -14.53 -3.84
C ARG B 93 -8.34 -14.61 -2.35
N GLN B 94 -9.37 -15.36 -1.99
CA GLN B 94 -9.58 -15.75 -0.60
C GLN B 94 -8.63 -16.91 -0.32
N SER B 95 -8.30 -17.11 0.94
CA SER B 95 -7.40 -18.19 1.34
C SER B 95 -7.95 -19.54 0.85
N GLY B 96 -7.05 -20.40 0.36
CA GLY B 96 -7.43 -21.73 -0.10
C GLY B 96 -7.94 -21.74 -1.54
N GLN B 97 -8.09 -20.55 -2.12
CA GLN B 97 -8.58 -20.41 -3.49
C GLN B 97 -7.39 -20.27 -4.46
N LEU B 98 -6.74 -21.39 -4.76
CA LEU B 98 -5.43 -21.37 -5.40
C LEU B 98 -5.41 -21.89 -6.85
N ASP B 99 -6.59 -22.12 -7.41
CA ASP B 99 -6.67 -22.53 -8.82
C ASP B 99 -6.17 -21.41 -9.72
N ASP B 100 -5.35 -21.79 -10.71
CA ASP B 100 -4.89 -20.85 -11.71
C ASP B 100 -4.13 -19.69 -11.07
N THR B 101 -3.22 -20.02 -10.15
CA THR B 101 -2.39 -19.02 -9.49
C THR B 101 -0.93 -19.22 -9.86
N PRO B 102 -0.15 -18.11 -9.89
CA PRO B 102 1.26 -18.23 -10.22
C PRO B 102 2.05 -18.88 -9.09
N GLY B 103 3.30 -19.24 -9.39
CA GLY B 103 4.18 -19.84 -8.39
C GLY B 103 5.47 -19.06 -8.27
N LEU B 104 6.44 -19.65 -7.58
CA LEU B 104 7.76 -19.08 -7.41
C LEU B 104 8.66 -20.12 -6.75
N THR B 105 9.90 -19.75 -6.47
CA THR B 105 10.84 -20.65 -5.81
C THR B 105 10.98 -20.31 -4.32
N ILE B 106 10.73 -21.31 -3.48
CA ILE B 106 10.87 -21.17 -2.04
C ILE B 106 12.20 -21.76 -1.60
N ILE B 107 12.95 -21.01 -0.82
CA ILE B 107 14.29 -21.42 -0.39
C ILE B 107 14.39 -21.46 1.13
N GLY B 108 14.75 -22.62 1.66
CA GLY B 108 14.96 -22.81 3.08
C GLY B 108 16.38 -23.29 3.34
N PRO B 109 16.73 -23.45 4.63
CA PRO B 109 18.07 -23.90 5.02
C PRO B 109 18.46 -25.28 4.50
N GLN B 110 17.49 -26.18 4.39
CA GLN B 110 17.78 -27.58 4.02
C GLN B 110 17.52 -27.88 2.55
N GLY B 111 16.92 -26.93 1.83
CA GLY B 111 16.65 -27.13 0.43
C GLY B 111 15.72 -26.09 -0.16
N SER B 112 15.33 -26.31 -1.41
CA SER B 112 14.43 -25.41 -2.12
C SER B 112 13.35 -26.20 -2.85
N VAL B 113 12.22 -25.55 -3.08
CA VAL B 113 11.16 -26.11 -3.90
C VAL B 113 10.57 -25.01 -4.75
N THR B 114 10.41 -25.29 -6.05
CA THR B 114 9.82 -24.32 -6.97
C THR B 114 8.37 -24.72 -7.22
N LYS B 115 7.45 -23.91 -6.71
CA LYS B 115 6.03 -24.18 -6.82
C LYS B 115 5.49 -23.66 -8.16
N ASP B 116 4.52 -24.38 -8.72
CA ASP B 116 3.89 -23.96 -9.96
C ASP B 116 2.61 -23.17 -9.68
N HIS B 117 2.25 -23.05 -8.41
CA HIS B 117 1.04 -22.35 -8.01
C HIS B 117 1.05 -22.07 -6.51
N GLY B 118 0.14 -21.21 -6.06
CA GLY B 118 -0.10 -21.00 -4.64
C GLY B 118 0.17 -19.59 -4.15
N VAL B 119 0.57 -18.69 -5.06
CA VAL B 119 0.82 -17.29 -4.69
C VAL B 119 -0.40 -16.44 -5.00
N ILE B 120 -0.88 -15.73 -3.98
CA ILE B 120 -2.04 -14.87 -4.11
C ILE B 120 -1.84 -13.52 -3.41
N VAL B 121 -2.61 -12.53 -3.85
CA VAL B 121 -2.82 -11.33 -3.06
C VAL B 121 -4.07 -11.58 -2.23
N ALA B 122 -3.95 -11.43 -0.92
CA ALA B 122 -5.04 -11.75 -0.01
C ALA B 122 -6.23 -10.81 -0.18
N GLN B 123 -7.42 -11.38 -0.34
CA GLN B 123 -8.64 -10.61 -0.26
C GLN B 123 -8.92 -10.31 1.21
N ARG B 124 -9.19 -9.04 1.52
CA ARG B 124 -9.50 -8.65 2.88
C ARG B 124 -10.72 -9.40 3.39
N HIS B 125 -10.67 -9.79 4.65
CA HIS B 125 -11.70 -10.65 5.21
C HIS B 125 -11.79 -10.49 6.72
N ILE B 126 -12.89 -10.98 7.29
CA ILE B 126 -13.10 -10.99 8.73
C ILE B 126 -13.32 -12.42 9.21
N HIS B 127 -12.42 -12.91 10.06
CA HIS B 127 -12.65 -14.17 10.76
C HIS B 127 -13.69 -13.92 11.82
N MET B 128 -14.64 -14.84 11.96
CA MET B 128 -15.78 -14.63 12.84
C MET B 128 -16.26 -15.91 13.49
N HIS B 129 -16.43 -15.88 14.80
CA HIS B 129 -16.96 -17.01 15.55
C HIS B 129 -18.44 -17.18 15.22
N PRO B 130 -18.92 -18.43 15.15
CA PRO B 130 -20.34 -18.66 14.80
C PRO B 130 -21.34 -17.92 15.68
N SER B 131 -21.01 -17.75 16.96
CA SER B 131 -21.89 -17.03 17.88
C SER B 131 -22.01 -15.57 17.48
N THR B 132 -20.88 -14.94 17.16
CA THR B 132 -20.87 -13.57 16.68
C THR B 132 -21.64 -13.45 15.37
N ALA B 133 -21.42 -14.42 14.49
CA ALA B 133 -22.07 -14.43 13.18
C ALA B 133 -23.59 -14.52 13.32
N ALA B 134 -24.04 -15.33 14.27
CA ALA B 134 -25.47 -15.49 14.51
C ALA B 134 -26.07 -14.22 15.07
N LYS B 135 -25.30 -13.51 15.90
CA LYS B 135 -25.76 -12.27 16.52
C LYS B 135 -25.86 -11.12 15.52
N LEU B 136 -24.99 -11.10 14.51
CA LEU B 136 -24.95 -10.00 13.56
C LEU B 136 -25.78 -10.29 12.30
N GLY B 137 -26.14 -11.55 12.11
CA GLY B 137 -26.93 -11.95 10.96
C GLY B 137 -26.08 -12.17 9.72
N LEU B 138 -24.90 -12.76 9.92
CA LEU B 138 -23.96 -13.00 8.84
C LEU B 138 -23.70 -14.49 8.65
N ARG B 139 -23.42 -14.88 7.41
CA ARG B 139 -23.11 -16.27 7.07
C ARG B 139 -21.73 -16.36 6.43
N ASN B 140 -21.13 -17.54 6.51
CA ASN B 140 -19.87 -17.80 5.84
C ASN B 140 -20.01 -17.52 4.35
N GLY B 141 -19.08 -16.74 3.79
CA GLY B 141 -19.11 -16.43 2.38
C GLY B 141 -19.76 -15.09 2.06
N ASP B 142 -20.45 -14.51 3.04
CA ASP B 142 -21.02 -13.17 2.86
C ASP B 142 -19.92 -12.14 2.65
N GLU B 143 -20.26 -11.07 1.95
CA GLU B 143 -19.37 -9.93 1.82
C GLU B 143 -20.04 -8.68 2.39
N VAL B 144 -19.27 -7.90 3.14
CA VAL B 144 -19.78 -6.72 3.82
C VAL B 144 -18.92 -5.51 3.50
N ASP B 145 -19.41 -4.34 3.92
CA ASP B 145 -18.62 -3.12 3.86
C ASP B 145 -18.10 -2.81 5.26
N VAL B 146 -16.87 -2.29 5.32
CA VAL B 146 -16.22 -1.97 6.59
C VAL B 146 -15.72 -0.53 6.56
N GLU B 147 -16.12 0.26 7.56
CA GLU B 147 -15.73 1.65 7.64
C GLU B 147 -14.51 1.84 8.55
N ALA B 148 -13.54 2.60 8.05
CA ALA B 148 -12.35 2.95 8.82
C ALA B 148 -12.30 4.46 9.00
N GLY B 149 -12.03 4.90 10.22
CA GLY B 149 -12.01 6.32 10.55
C GLY B 149 -10.64 6.94 10.35
N GLY B 150 -10.51 8.19 10.77
CA GLY B 150 -9.23 8.87 10.77
C GLY B 150 -8.97 9.69 9.51
N GLU B 151 -7.78 10.29 9.46
CA GLU B 151 -7.40 11.20 8.38
C GLU B 151 -7.39 10.53 7.01
N ARG B 152 -7.08 9.23 6.99
CA ARG B 152 -7.01 8.49 5.74
C ARG B 152 -8.11 7.42 5.67
N GLY B 153 -9.13 7.61 6.50
CA GLY B 153 -10.23 6.66 6.59
C GLY B 153 -11.03 6.53 5.30
N GLY B 154 -12.01 5.64 5.33
CA GLY B 154 -12.83 5.34 4.16
C GLY B 154 -13.63 4.07 4.39
N VAL B 155 -14.29 3.60 3.34
CA VAL B 155 -15.09 2.38 3.42
C VAL B 155 -14.58 1.31 2.45
N MET B 156 -14.12 0.20 3.00
CA MET B 156 -13.68 -0.94 2.20
C MET B 156 -14.88 -1.78 1.76
N HIS B 157 -14.98 -2.03 0.46
CA HIS B 157 -16.02 -2.91 -0.07
C HIS B 157 -15.51 -4.34 -0.19
N ARG B 158 -16.42 -5.27 -0.42
CA ARG B 158 -16.08 -6.65 -0.72
C ARG B 158 -15.18 -7.28 0.34
N VAL B 159 -15.63 -7.19 1.59
CA VAL B 159 -14.93 -7.78 2.72
C VAL B 159 -15.55 -9.15 3.02
N LEU B 160 -14.80 -10.20 2.78
CA LEU B 160 -15.31 -11.56 2.94
C LEU B 160 -15.45 -11.94 4.42
N ILE B 161 -16.59 -12.53 4.76
CA ILE B 161 -16.81 -13.08 6.10
C ILE B 161 -16.46 -14.56 6.12
N ARG B 162 -15.54 -14.93 7.00
CA ARG B 162 -15.12 -16.32 7.16
C ARG B 162 -15.55 -16.85 8.52
N VAL B 163 -16.64 -17.61 8.56
CA VAL B 163 -17.15 -18.17 9.80
C VAL B 163 -16.61 -19.58 10.02
N ALA B 164 -15.99 -19.78 11.18
CA ALA B 164 -15.48 -21.09 11.57
C ALA B 164 -15.36 -21.14 13.09
N GLU B 165 -15.52 -22.34 13.66
CA GLU B 165 -15.47 -22.52 15.11
C GLU B 165 -14.15 -22.04 15.70
N ALA B 166 -13.06 -22.40 15.04
CA ALA B 166 -11.73 -21.99 15.48
C ALA B 166 -11.40 -20.60 14.95
N SER B 167 -12.22 -19.62 15.33
CA SER B 167 -12.03 -18.24 14.90
C SER B 167 -12.22 -17.26 16.04
N ALA B 168 -11.42 -16.21 16.04
CA ALA B 168 -11.65 -15.05 16.88
C ALA B 168 -12.07 -13.88 15.99
N ASP B 169 -12.97 -13.04 16.48
CA ASP B 169 -13.44 -11.90 15.70
C ASP B 169 -12.30 -10.95 15.37
N GLU B 170 -11.90 -10.93 14.10
CA GLU B 170 -10.75 -10.14 13.67
C GLU B 170 -10.74 -9.94 12.16
N MET B 171 -10.43 -8.72 11.72
CA MET B 171 -10.31 -8.42 10.30
C MET B 171 -8.85 -8.48 9.87
N HIS B 172 -8.60 -9.13 8.74
CA HIS B 172 -7.26 -9.23 8.17
C HIS B 172 -7.14 -8.41 6.88
N ILE B 173 -6.17 -7.51 6.87
CA ILE B 173 -5.85 -6.70 5.68
C ILE B 173 -4.33 -6.71 5.49
N ASP B 174 -3.86 -6.53 4.26
CA ASP B 174 -2.43 -6.58 4.02
C ASP B 174 -1.80 -5.22 4.27
N VAL B 175 -0.48 -5.15 4.12
CA VAL B 175 0.28 -3.95 4.50
C VAL B 175 -0.17 -2.72 3.72
N GLU B 176 -0.42 -2.88 2.42
CA GLU B 176 -0.79 -1.74 1.58
C GLU B 176 -2.19 -1.23 1.92
N GLU B 177 -3.11 -2.14 2.19
CA GLU B 177 -4.45 -1.75 2.61
C GLU B 177 -4.42 -1.04 3.95
N ALA B 178 -3.53 -1.50 4.83
CA ALA B 178 -3.38 -0.89 6.14
C ALA B 178 -2.83 0.52 6.03
N ASN B 179 -1.79 0.70 5.22
CA ASN B 179 -1.15 1.99 5.07
C ASN B 179 -2.03 2.99 4.31
N ALA B 180 -2.80 2.48 3.36
CA ALA B 180 -3.70 3.31 2.55
C ALA B 180 -4.77 3.96 3.42
N LEU B 181 -5.09 3.31 4.55
CA LEU B 181 -6.12 3.79 5.46
C LEU B 181 -5.55 4.22 6.81
N CYS B 182 -4.22 4.18 6.92
CA CYS B 182 -3.54 4.48 8.18
C CYS B 182 -4.10 3.64 9.33
N LEU B 183 -4.31 2.37 9.07
CA LEU B 183 -4.70 1.41 10.09
C LEU B 183 -3.47 0.67 10.61
N LYS B 184 -3.55 0.21 11.86
CA LYS B 184 -2.48 -0.61 12.44
C LYS B 184 -3.10 -1.70 13.30
N ASN B 185 -2.26 -2.59 13.83
CA ASN B 185 -2.74 -3.68 14.67
C ASN B 185 -3.55 -3.19 15.85
N ASP B 186 -4.69 -3.85 16.08
CA ASP B 186 -5.60 -3.58 17.19
C ASP B 186 -6.38 -2.28 17.03
N ASP B 187 -6.26 -1.63 15.88
CA ASP B 187 -7.19 -0.55 15.54
C ASP B 187 -8.58 -1.13 15.39
N VAL B 188 -9.60 -0.31 15.62
CA VAL B 188 -10.99 -0.78 15.56
C VAL B 188 -11.70 -0.19 14.35
N VAL B 189 -12.31 -1.08 13.56
CA VAL B 189 -13.15 -0.68 12.44
C VAL B 189 -14.55 -1.22 12.68
N ARG B 190 -15.49 -0.89 11.79
CA ARG B 190 -16.89 -1.21 12.01
C ARG B 190 -17.57 -1.81 10.77
N ILE B 191 -18.22 -2.96 10.97
CA ILE B 191 -19.00 -3.60 9.91
C ILE B 191 -20.28 -2.82 9.65
N CYS B 192 -20.56 -2.58 8.38
CA CYS B 192 -21.78 -1.88 7.98
C CYS B 192 -22.86 -2.89 7.55
ZN ZN C . -1.22 16.16 -7.12
ZN ZN D . 4.39 16.11 -5.62
P PO4 E . 1.75 17.57 -6.29
O1 PO4 E . 2.23 18.64 -7.25
O2 PO4 E . 2.54 16.31 -6.51
O3 PO4 E . 0.29 17.29 -6.55
O4 PO4 E . 1.91 18.06 -4.88
P PO4 F . 16.87 26.23 0.12
O1 PO4 F . 17.92 27.17 -0.42
O2 PO4 F . 17.50 24.92 0.50
O3 PO4 F . 15.82 26.00 -0.94
O4 PO4 F . 16.23 26.83 1.34
ZN ZN G . -6.94 -14.19 7.77
ZN ZN H . -2.24 -16.61 5.48
P PO4 I . -5.16 -16.79 6.54
O1 PO4 I . -4.14 -15.81 6.01
O2 PO4 I . -4.52 -17.67 7.58
O3 PO4 I . -6.32 -16.03 7.15
O4 PO4 I . -5.67 -17.65 5.41
#